data_5UE0
#
_entry.id   5UE0
#
_cell.length_a   121.812
_cell.length_b   121.812
_cell.length_c   121.812
_cell.angle_alpha   90.00
_cell.angle_beta   90.00
_cell.angle_gamma   90.00
#
_symmetry.space_group_name_H-M   'I 2 3'
#
loop_
_entity.id
_entity.type
_entity.pdbx_description
1 polymer 'CT622 protein'
2 non-polymer 'SULFATE ION'
3 water water
#
_entity_poly.entity_id   1
_entity_poly.type   'polypeptide(L)'
_entity_poly.pdbx_seq_one_letter_code
;SLLLDDVDNEMAAIAMQGFRSMIEQFNVNNPATAKELQAMEAQLTAMSDQLVGADGELPAEIQAIKDALAQALKQPSADG
LATAMGQVAFAAA(MLY)VGGGSAGTAGTVQMNV(MLY)QLYKTAFSSTSSSSYAAALSDGYSAY(MLY)TLNSLYSESR
SGVQSAISQTANPALSRSVSRSGIESQGRSADASQRAAETIVRDSQTLGDVYSRLQVLDSLMSTIVSNPQANQEEIMQ
(MLY)LTASISKAPQFGYPAVQNSVDSLQKFAAQLEREFVDGERSLAESQENAFRKQPAFIQQVLVNIASLFSGYLS
;
_entity_poly.pdbx_strand_id   A
#
# COMPACT_ATOMS: atom_id res chain seq x y z
N SER A 1 12.37 -22.45 23.84
CA SER A 1 12.58 -21.61 22.67
C SER A 1 11.27 -21.46 21.89
N LEU A 2 10.74 -20.23 21.82
CA LEU A 2 9.38 -20.01 21.34
C LEU A 2 9.30 -19.94 19.82
N LEU A 3 8.25 -20.55 19.26
CA LEU A 3 7.91 -20.41 17.85
C LEU A 3 6.75 -19.43 17.72
N LEU A 4 6.86 -18.47 16.80
CA LEU A 4 5.90 -17.37 16.76
C LEU A 4 4.53 -17.83 16.31
N ASP A 5 4.46 -18.80 15.41
CA ASP A 5 3.16 -19.29 14.96
C ASP A 5 2.41 -20.06 16.05
N ASP A 6 3.05 -20.34 17.18
CA ASP A 6 2.41 -21.09 18.26
C ASP A 6 2.42 -20.25 19.54
N VAL A 7 1.83 -19.04 19.49
CA VAL A 7 1.83 -18.15 20.63
C VAL A 7 0.40 -17.90 21.10
N ASP A 8 0.27 -17.70 22.41
CA ASP A 8 -0.98 -17.32 23.02
C ASP A 8 -1.27 -15.85 22.74
N ASN A 9 -2.50 -15.44 23.05
CA ASN A 9 -2.94 -14.11 22.71
C ASN A 9 -2.11 -13.05 23.42
N GLU A 10 -1.83 -13.25 24.71
CA GLU A 10 -1.06 -12.23 25.40
C GLU A 10 0.26 -11.98 24.68
N MET A 11 0.93 -13.04 24.22
CA MET A 11 2.21 -12.84 23.53
C MET A 11 2.04 -12.35 22.10
N ALA A 12 0.90 -12.66 21.48
CA ALA A 12 0.64 -12.06 20.16
C ALA A 12 0.49 -10.56 20.27
N ALA A 13 -0.22 -10.08 21.28
CA ALA A 13 -0.39 -8.64 21.46
C ALA A 13 0.89 -7.98 21.92
N ILE A 14 1.69 -8.66 22.73
CA ILE A 14 3.00 -8.11 23.07
C ILE A 14 3.82 -7.90 21.81
N ALA A 15 3.83 -8.88 20.92
CA ALA A 15 4.67 -8.77 19.74
C ALA A 15 4.20 -7.63 18.87
N MET A 16 2.91 -7.58 18.63
CA MET A 16 2.36 -6.57 17.74
C MET A 16 2.52 -5.17 18.32
N GLN A 17 2.36 -5.03 19.63
CA GLN A 17 2.60 -3.72 20.21
C GLN A 17 4.05 -3.30 20.05
N GLY A 18 4.97 -4.25 20.14
CA GLY A 18 6.36 -3.94 19.84
C GLY A 18 6.55 -3.50 18.42
N PHE A 19 5.89 -4.18 17.46
CA PHE A 19 6.00 -3.74 16.08
C PHE A 19 5.40 -2.34 15.92
N ARG A 20 4.26 -2.09 16.55
CA ARG A 20 3.69 -0.75 16.47
C ARG A 20 4.63 0.28 17.08
N SER A 21 5.25 -0.05 18.20
CA SER A 21 6.21 0.86 18.81
C SER A 21 7.42 1.11 17.90
N MET A 22 7.90 0.08 17.17
CA MET A 22 8.96 0.32 16.18
C MET A 22 8.50 1.30 15.12
N ILE A 23 7.26 1.16 14.68
CA ILE A 23 6.76 1.99 13.61
C ILE A 23 6.71 3.45 14.01
N GLU A 24 6.33 3.73 15.26
CA GLU A 24 6.28 5.11 15.71
C GLU A 24 7.64 5.78 15.73
N GLN A 25 8.72 5.04 15.56
CA GLN A 25 10.04 5.65 15.64
C GLN A 25 10.50 6.29 14.34
N PHE A 26 9.78 6.15 13.24
CA PHE A 26 10.26 6.77 12.02
C PHE A 26 9.16 7.61 11.37
N ASN A 27 9.59 8.35 10.37
CA ASN A 27 8.76 9.31 9.70
C ASN A 27 9.05 9.07 8.24
N VAL A 28 8.05 8.60 7.51
CA VAL A 28 8.25 8.24 6.12
C VAL A 28 8.42 9.44 5.23
N ASN A 29 8.09 10.62 5.75
CA ASN A 29 8.15 11.82 4.92
C ASN A 29 9.55 12.32 4.68
N ASN A 30 10.55 11.76 5.35
CA ASN A 30 11.93 12.21 5.23
C ASN A 30 12.84 11.00 5.12
N PRO A 31 14.04 11.16 4.55
CA PRO A 31 14.90 9.98 4.37
C PRO A 31 15.15 9.31 5.71
N ALA A 32 15.20 7.97 5.71
CA ALA A 32 15.45 7.24 6.94
C ALA A 32 16.84 7.54 7.47
N THR A 33 17.00 7.42 8.79
CA THR A 33 18.23 7.81 9.46
C THR A 33 18.72 6.75 10.44
N ALA A 34 19.99 6.87 10.77
CA ALA A 34 20.58 5.99 11.76
C ALA A 34 19.79 6.06 13.06
N LYS A 35 19.38 7.26 13.45
CA LYS A 35 18.70 7.41 14.72
C LYS A 35 17.41 6.62 14.73
N GLU A 36 16.62 6.74 13.64
CA GLU A 36 15.39 5.97 13.57
C GLU A 36 15.69 4.48 13.59
N LEU A 37 16.70 4.04 12.84
CA LEU A 37 17.01 2.63 12.83
C LEU A 37 17.37 2.16 14.24
N GLN A 38 18.15 2.96 14.96
CA GLN A 38 18.61 2.61 16.29
C GLN A 38 17.44 2.53 17.26
N ALA A 39 16.50 3.47 17.13
CA ALA A 39 15.31 3.51 17.97
C ALA A 39 14.42 2.30 17.73
N MET A 40 14.25 1.92 16.46
CA MET A 40 13.54 0.69 16.14
C MET A 40 14.18 -0.51 16.80
N GLU A 41 15.52 -0.59 16.75
CA GLU A 41 16.22 -1.65 17.46
C GLU A 41 15.92 -1.63 18.94
N ALA A 42 15.86 -0.44 19.54
CA ALA A 42 15.61 -0.39 20.99
C ALA A 42 14.20 -0.86 21.29
N GLN A 43 13.26 -0.52 20.43
CA GLN A 43 11.90 -1.02 20.63
C GLN A 43 11.82 -2.52 20.40
N LEU A 44 12.59 -3.04 19.47
CA LEU A 44 12.57 -4.46 19.23
C LEU A 44 13.07 -5.20 20.44
N THR A 45 14.14 -4.68 21.05
CA THR A 45 14.75 -5.35 22.18
C THR A 45 13.83 -5.30 23.39
N ALA A 46 13.19 -4.15 23.62
CA ALA A 46 12.19 -4.09 24.67
C ALA A 46 11.13 -5.16 24.46
N MET A 47 10.68 -5.37 23.22
CA MET A 47 9.61 -6.37 23.04
C MET A 47 10.15 -7.79 23.14
N SER A 48 11.33 -8.04 22.56
CA SER A 48 11.95 -9.35 22.68
C SER A 48 12.13 -9.76 24.13
N ASP A 49 12.63 -8.85 24.98
CA ASP A 49 12.80 -9.17 26.39
C ASP A 49 11.48 -9.67 26.99
N GLN A 50 10.38 -8.96 26.69
CA GLN A 50 9.05 -9.39 27.15
C GLN A 50 8.66 -10.75 26.60
N LEU A 51 9.19 -11.12 25.44
CA LEU A 51 8.69 -12.31 24.76
C LEU A 51 9.38 -13.56 25.25
N VAL A 52 10.71 -13.51 25.34
CA VAL A 52 11.52 -14.66 25.70
C VAL A 52 12.45 -14.38 26.86
N GLY A 53 12.51 -13.15 27.35
CA GLY A 53 13.40 -12.80 28.43
C GLY A 53 14.69 -12.20 27.92
N ALA A 54 15.38 -11.48 28.81
CA ALA A 54 16.60 -10.79 28.43
C ALA A 54 17.64 -11.75 27.86
N ASP A 55 17.52 -13.06 28.12
CA ASP A 55 18.51 -14.03 27.69
C ASP A 55 17.97 -15.18 26.85
N GLY A 56 16.67 -15.22 26.56
CA GLY A 56 16.12 -16.32 25.78
C GLY A 56 16.44 -16.22 24.30
N GLU A 57 16.33 -17.35 23.61
CA GLU A 57 16.63 -17.39 22.18
C GLU A 57 15.53 -16.68 21.40
N LEU A 58 15.93 -15.83 20.47
CA LEU A 58 14.96 -15.07 19.71
C LEU A 58 14.30 -16.00 18.69
N PRO A 59 12.98 -15.95 18.53
CA PRO A 59 12.34 -16.67 17.42
C PRO A 59 12.98 -16.32 16.08
N ALA A 60 12.88 -17.24 15.11
CA ALA A 60 13.46 -17.01 13.79
C ALA A 60 13.03 -15.66 13.20
N GLU A 61 11.76 -15.33 13.32
CA GLU A 61 11.31 -14.14 12.59
C GLU A 61 11.83 -12.87 13.26
N ILE A 62 11.99 -12.88 14.58
CA ILE A 62 12.57 -11.75 15.31
C ILE A 62 14.05 -11.68 15.02
N GLN A 63 14.70 -12.83 14.97
CA GLN A 63 16.08 -12.86 14.55
C GLN A 63 16.20 -12.11 13.23
N ALA A 64 15.36 -12.44 12.26
CA ALA A 64 15.46 -11.84 10.95
C ALA A 64 15.35 -10.32 11.01
N ILE A 65 14.41 -9.78 11.80
CA ILE A 65 14.28 -8.33 11.91
C ILE A 65 15.53 -7.72 12.49
N LYS A 66 16.10 -8.39 13.51
CA LYS A 66 17.33 -7.90 14.12
C LYS A 66 18.45 -7.86 13.09
N ASP A 67 18.66 -8.96 12.36
CA ASP A 67 19.68 -8.98 11.32
C ASP A 67 19.45 -7.85 10.32
N ALA A 68 18.21 -7.65 9.94
CA ALA A 68 17.88 -6.61 8.97
C ALA A 68 18.23 -5.23 9.51
N LEU A 69 17.84 -4.95 10.75
CA LEU A 69 18.16 -3.64 11.30
C LEU A 69 19.66 -3.48 11.45
N ALA A 70 20.36 -4.56 11.78
CA ALA A 70 21.81 -4.49 11.92
C ALA A 70 22.45 -4.04 10.61
N GLN A 71 22.03 -4.64 9.50
CA GLN A 71 22.65 -4.33 8.22
C GLN A 71 22.34 -2.90 7.80
N ALA A 72 21.11 -2.44 8.05
CA ALA A 72 20.74 -1.10 7.61
C ALA A 72 21.56 -0.03 8.30
N LEU A 73 22.01 -0.33 9.52
CA LEU A 73 22.87 0.61 10.25
C LEU A 73 24.28 0.60 9.70
N LYS A 74 24.75 -0.56 9.24
CA LYS A 74 26.08 -0.63 8.66
C LYS A 74 26.17 0.12 7.34
N GLN A 75 25.07 0.21 6.60
CA GLN A 75 25.03 0.94 5.32
C GLN A 75 23.86 1.91 5.23
N ALA A 78 17.43 3.91 2.53
CA ALA A 78 16.00 3.69 2.35
C ALA A 78 15.72 2.18 2.29
N ASP A 79 16.39 1.51 1.35
CA ASP A 79 16.30 0.07 1.27
C ASP A 79 16.45 -0.56 2.66
N GLY A 80 17.25 0.05 3.52
CA GLY A 80 17.48 -0.53 4.83
C GLY A 80 16.23 -0.53 5.69
N LEU A 81 15.60 0.61 5.83
CA LEU A 81 14.38 0.64 6.64
C LEU A 81 13.27 -0.17 5.95
N ALA A 82 13.14 -0.03 4.65
CA ALA A 82 12.14 -0.81 3.93
C ALA A 82 12.37 -2.31 4.14
N THR A 83 13.61 -2.77 4.06
CA THR A 83 13.88 -4.20 4.23
C THR A 83 13.49 -4.65 5.63
N ALA A 84 13.78 -3.81 6.63
CA ALA A 84 13.44 -4.15 8.03
C ALA A 84 11.94 -4.21 8.21
N MET A 85 11.21 -3.27 7.60
CA MET A 85 9.76 -3.30 7.75
C MET A 85 9.12 -4.50 7.03
N GLY A 86 9.70 -4.95 5.92
CA GLY A 86 9.23 -6.20 5.34
C GLY A 86 9.42 -7.37 6.30
N GLN A 87 10.55 -7.43 6.98
CA GLN A 87 10.75 -8.49 7.98
C GLN A 87 9.78 -8.34 9.15
N VAL A 88 9.43 -7.11 9.54
CA VAL A 88 8.39 -6.91 10.55
C VAL A 88 7.07 -7.46 10.08
N ALA A 89 6.74 -7.24 8.82
CA ALA A 89 5.43 -7.64 8.31
C ALA A 89 5.37 -9.16 8.17
N PHE A 90 6.49 -9.77 7.75
CA PHE A 90 6.60 -11.23 7.76
C PHE A 90 6.31 -11.78 9.15
N ALA A 91 7.03 -11.28 10.14
CA ALA A 91 6.83 -11.78 11.50
C ALA A 91 5.38 -11.65 11.93
N ALA A 92 4.78 -10.47 11.67
CA ALA A 92 3.42 -10.22 12.14
C ALA A 92 2.48 -11.18 11.44
N ALA A 93 2.78 -11.50 10.19
CA ALA A 93 1.94 -12.39 9.40
C ALA A 93 2.03 -13.79 9.94
N VAL A 95 2.74 -14.60 13.09
CA VAL A 95 1.98 -14.57 14.33
C VAL A 95 0.50 -14.76 14.05
N GLY A 96 0.02 -14.18 12.96
CA GLY A 96 -1.38 -14.28 12.65
C GLY A 96 -1.82 -15.60 12.07
N GLY A 97 -0.93 -16.58 11.93
CA GLY A 97 -1.33 -17.85 11.34
C GLY A 97 -1.15 -17.94 9.84
N GLY A 98 -0.57 -16.94 9.21
CA GLY A 98 -0.31 -17.04 7.79
C GLY A 98 0.70 -18.15 7.49
N SER A 99 0.51 -18.77 6.35
CA SER A 99 1.48 -19.70 5.81
C SER A 99 2.77 -18.95 5.44
N ALA A 100 3.82 -19.73 5.16
CA ALA A 100 5.06 -19.16 4.64
C ALA A 100 4.79 -18.35 3.36
N GLY A 101 4.01 -18.93 2.45
CA GLY A 101 3.73 -18.25 1.20
C GLY A 101 3.04 -16.92 1.42
N THR A 102 2.05 -16.91 2.30
CA THR A 102 1.35 -15.67 2.61
C THR A 102 2.28 -14.67 3.27
N ALA A 103 3.05 -15.11 4.27
CA ALA A 103 3.97 -14.17 4.93
C ALA A 103 4.98 -13.62 3.93
N GLY A 104 5.47 -14.48 3.01
CA GLY A 104 6.37 -14.00 1.97
C GLY A 104 5.72 -12.94 1.11
N THR A 105 4.51 -13.19 0.63
CA THR A 105 3.84 -12.17 -0.17
C THR A 105 3.65 -10.86 0.61
N VAL A 106 3.25 -10.95 1.87
CA VAL A 106 3.06 -9.74 2.65
C VAL A 106 4.37 -8.97 2.74
N GLN A 107 5.45 -9.69 3.00
CA GLN A 107 6.75 -9.08 3.17
C GLN A 107 7.21 -8.38 1.90
N MET A 108 7.18 -9.10 0.76
CA MET A 108 7.65 -8.48 -0.48
C MET A 108 6.85 -7.23 -0.79
N ASN A 109 5.53 -7.28 -0.62
CA ASN A 109 4.73 -6.15 -1.06
C ASN A 109 4.72 -5.00 -0.07
N VAL A 110 4.84 -5.24 1.25
CA VAL A 110 4.96 -4.13 2.18
C VAL A 110 6.29 -3.43 1.96
N GLN A 112 7.90 -3.15 -0.68
CA GLN A 112 7.82 -2.25 -1.85
C GLN A 112 7.15 -0.94 -1.55
N LEU A 113 6.09 -0.95 -0.72
CA LEU A 113 5.41 0.30 -0.39
C LEU A 113 6.31 1.26 0.34
N TYR A 114 7.13 0.75 1.24
CA TYR A 114 8.15 1.60 1.86
C TYR A 114 9.17 2.08 0.83
N LYS A 115 9.56 1.21 -0.11
CA LYS A 115 10.53 1.67 -1.12
C LYS A 115 9.92 2.77 -1.96
N THR A 116 8.63 2.67 -2.27
CA THR A 116 7.99 3.74 -3.00
C THR A 116 7.86 4.98 -2.14
N ALA A 117 7.48 4.81 -0.86
CA ALA A 117 7.32 5.97 0.01
C ALA A 117 8.61 6.76 0.07
N PHE A 118 9.73 6.06 0.10
CA PHE A 118 11.02 6.73 0.26
C PHE A 118 11.63 7.12 -1.07
N SER A 119 10.97 6.86 -2.17
CA SER A 119 11.52 7.32 -3.44
C SER A 119 11.31 8.82 -3.57
N SER A 120 12.39 9.52 -3.95
CA SER A 120 12.33 10.93 -4.28
C SER A 120 11.60 11.13 -5.60
N THR A 121 10.78 12.18 -5.65
CA THR A 121 10.04 12.52 -6.87
C THR A 121 10.96 12.91 -8.02
N SER A 122 12.20 13.33 -7.73
CA SER A 122 13.15 13.66 -8.78
C SER A 122 13.91 12.44 -9.30
N SER A 123 13.80 11.30 -8.63
CA SER A 123 14.56 10.12 -9.02
C SER A 123 14.20 9.71 -10.44
N SER A 124 15.18 9.22 -11.20
CA SER A 124 14.83 8.71 -12.53
C SER A 124 13.92 7.49 -12.44
N SER A 125 13.96 6.77 -11.32
CA SER A 125 13.09 5.61 -11.19
C SER A 125 11.79 5.93 -10.45
N TYR A 126 11.40 7.20 -10.34
CA TYR A 126 10.25 7.52 -9.49
C TYR A 126 8.94 6.96 -10.08
N ALA A 127 8.74 7.15 -11.39
CA ALA A 127 7.55 6.63 -12.05
C ALA A 127 7.44 5.12 -11.89
N ALA A 128 8.55 4.42 -12.11
CA ALA A 128 8.62 2.97 -11.88
C ALA A 128 8.20 2.64 -10.47
N ALA A 129 8.77 3.34 -9.51
CA ALA A 129 8.47 3.09 -8.10
C ALA A 129 7.02 3.37 -7.79
N LEU A 130 6.46 4.41 -8.40
CA LEU A 130 5.06 4.65 -8.17
C LEU A 130 4.22 3.51 -8.76
N SER A 131 4.61 3.02 -9.93
CA SER A 131 3.91 1.90 -10.55
C SER A 131 4.07 0.62 -9.72
N ASP A 132 5.29 0.30 -9.32
CA ASP A 132 5.48 -0.90 -8.50
C ASP A 132 4.68 -0.81 -7.21
N GLY A 133 4.51 0.40 -6.69
CA GLY A 133 3.82 0.55 -5.43
C GLY A 133 2.35 0.28 -5.56
N TYR A 134 1.77 0.58 -6.72
CA TYR A 134 0.37 0.28 -6.99
C TYR A 134 0.16 -1.22 -7.19
N SER A 135 1.08 -1.90 -7.89
CA SER A 135 0.97 -3.34 -8.00
C SER A 135 1.01 -4.00 -6.63
N ALA A 136 1.88 -3.50 -5.75
CA ALA A 136 1.97 -4.00 -4.39
C ALA A 136 0.70 -3.74 -3.60
N TYR A 137 0.16 -2.52 -3.70
CA TYR A 137 -1.10 -2.15 -3.12
C TYR A 137 -2.23 -3.13 -3.50
N THR A 139 -2.00 -6.15 -4.77
CA THR A 139 -1.70 -7.49 -4.33
C THR A 139 -2.03 -7.60 -2.84
N LEU A 140 -1.68 -6.57 -2.07
CA LEU A 140 -2.00 -6.61 -0.64
C LEU A 140 -3.50 -6.54 -0.41
N ASN A 141 -4.22 -5.76 -1.19
CA ASN A 141 -5.66 -5.69 -0.99
C ASN A 141 -6.33 -7.00 -1.36
N SER A 142 -5.87 -7.67 -2.43
CA SER A 142 -6.38 -9.00 -2.73
C SER A 142 -6.12 -9.94 -1.57
N LEU A 143 -4.87 -10.00 -1.13
CA LEU A 143 -4.51 -10.96 -0.10
C LEU A 143 -5.24 -10.65 1.21
N TYR A 144 -5.35 -9.36 1.56
CA TYR A 144 -6.07 -8.97 2.76
C TYR A 144 -7.42 -9.67 2.87
N SER A 145 -8.19 -9.66 1.79
CA SER A 145 -9.57 -10.11 1.86
C SER A 145 -9.66 -11.57 2.28
N GLU A 146 -8.78 -12.40 1.75
CA GLU A 146 -8.84 -13.83 1.97
C GLU A 146 -8.01 -14.29 3.16
N SER A 147 -7.49 -13.37 3.97
CA SER A 147 -6.51 -13.71 4.97
C SER A 147 -7.10 -13.71 6.38
N ARG A 148 -6.43 -14.44 7.28
CA ARG A 148 -6.85 -14.50 8.66
C ARG A 148 -6.71 -13.13 9.31
N SER A 149 -7.46 -12.93 10.37
CA SER A 149 -7.53 -11.62 10.99
C SER A 149 -6.16 -11.07 11.35
N GLY A 150 -5.30 -11.90 11.92
CA GLY A 150 -3.99 -11.40 12.33
C GLY A 150 -3.13 -11.06 11.14
N VAL A 151 -3.35 -11.73 10.02
CA VAL A 151 -2.62 -11.38 8.80
C VAL A 151 -3.17 -10.08 8.24
N GLN A 152 -4.47 -9.87 8.38
CA GLN A 152 -5.06 -8.57 8.05
C GLN A 152 -4.42 -7.45 8.88
N SER A 153 -4.24 -7.69 10.18
CA SER A 153 -3.64 -6.67 11.04
C SER A 153 -2.19 -6.47 10.67
N ALA A 154 -1.53 -7.55 10.26
CA ALA A 154 -0.14 -7.40 9.90
C ALA A 154 -0.03 -6.57 8.66
N ILE A 155 -0.93 -6.80 7.73
CA ILE A 155 -0.87 -6.01 6.52
C ILE A 155 -1.16 -4.57 6.80
N SER A 156 -2.29 -4.26 7.46
CA SER A 156 -2.69 -2.87 7.53
C SER A 156 -1.72 -2.08 8.41
N GLN A 157 -1.25 -2.68 9.50
CA GLN A 157 -0.44 -1.92 10.46
C GLN A 157 0.95 -1.65 9.91
N THR A 158 1.47 -2.53 9.07
CA THR A 158 2.76 -2.22 8.46
C THR A 158 2.64 -1.45 7.14
N ALA A 159 1.56 -1.64 6.39
CA ALA A 159 1.46 -0.93 5.11
C ALA A 159 1.02 0.51 5.31
N ASN A 160 0.09 0.76 6.25
CA ASN A 160 -0.46 2.09 6.42
C ASN A 160 0.60 3.15 6.57
N PRO A 161 1.67 2.96 7.38
CA PRO A 161 2.64 4.08 7.54
C PRO A 161 3.26 4.49 6.21
N ALA A 162 3.55 3.55 5.35
CA ALA A 162 4.08 3.89 4.04
C ALA A 162 3.05 4.60 3.17
N LEU A 163 1.80 4.17 3.27
CA LEU A 163 0.77 4.84 2.49
C LEU A 163 0.50 6.23 2.99
N SER A 164 0.88 6.50 4.22
CA SER A 164 0.71 7.84 4.77
C SER A 164 1.68 8.85 4.22
N ARG A 165 2.61 8.45 3.39
CA ARG A 165 3.57 9.41 2.80
C ARG A 165 2.86 10.58 2.10
N SER A 166 3.20 11.81 2.42
CA SER A 166 2.56 12.96 1.79
C SER A 166 2.97 13.11 0.33
N VAL A 167 2.01 13.51 -0.52
CA VAL A 167 2.27 13.88 -1.89
C VAL A 167 1.67 15.25 -2.10
N SER A 168 2.07 15.89 -3.19
CA SER A 168 1.49 17.17 -3.57
C SER A 168 1.92 17.47 -5.00
N ARG A 169 1.04 18.14 -5.73
CA ARG A 169 1.27 18.34 -7.16
C ARG A 169 2.43 19.29 -7.41
N SER A 170 3.04 19.15 -8.57
CA SER A 170 4.05 20.07 -9.06
C SER A 170 3.43 21.39 -9.52
N ALA A 179 -7.34 16.98 -22.28
CA ALA A 179 -8.01 16.38 -23.43
C ALA A 179 -7.79 14.87 -23.47
N ASP A 180 -6.58 14.46 -23.15
CA ASP A 180 -6.26 13.05 -23.13
C ASP A 180 -6.83 12.42 -21.86
N ALA A 181 -7.60 11.35 -22.02
CA ALA A 181 -8.31 10.74 -20.91
C ALA A 181 -7.37 10.32 -19.78
N SER A 182 -6.25 9.68 -20.12
CA SER A 182 -5.35 9.24 -19.07
C SER A 182 -4.78 10.43 -18.31
N GLN A 183 -4.48 11.52 -19.02
CA GLN A 183 -4.04 12.74 -18.34
C GLN A 183 -5.15 13.35 -17.50
N ARG A 184 -6.38 13.35 -18.01
CA ARG A 184 -7.51 13.89 -17.25
C ARG A 184 -7.76 13.06 -16.00
N ALA A 185 -7.61 11.75 -16.10
CA ALA A 185 -7.77 10.91 -14.91
C ALA A 185 -6.68 11.19 -13.89
N ALA A 186 -5.44 11.41 -14.35
CA ALA A 186 -4.35 11.67 -13.41
C ALA A 186 -4.65 12.92 -12.60
N GLU A 187 -5.01 13.98 -13.29
CA GLU A 187 -5.28 15.24 -12.61
C GLU A 187 -6.40 15.07 -11.59
N THR A 188 -7.47 14.34 -11.96
CA THR A 188 -8.61 14.12 -11.06
C THR A 188 -8.18 13.36 -9.80
N ILE A 189 -7.41 12.27 -9.95
CA ILE A 189 -6.86 11.54 -8.80
C ILE A 189 -6.01 12.47 -7.93
N VAL A 190 -5.09 13.18 -8.57
CA VAL A 190 -4.14 14.00 -7.81
C VAL A 190 -4.88 15.12 -7.10
N ARG A 191 -5.90 15.70 -7.74
CA ARG A 191 -6.55 16.84 -7.10
C ARG A 191 -7.10 16.45 -5.73
N ASP A 192 -7.56 15.21 -5.58
CA ASP A 192 -8.28 14.75 -4.39
C ASP A 192 -7.41 13.99 -3.38
N SER A 193 -6.07 14.09 -3.47
CA SER A 193 -5.13 13.21 -2.76
C SER A 193 -4.11 14.02 -1.97
N GLN A 194 -3.89 13.64 -0.72
CA GLN A 194 -2.85 14.18 0.14
C GLN A 194 -1.71 13.21 0.38
N THR A 195 -1.98 11.91 0.23
CA THR A 195 -1.01 10.88 0.58
C THR A 195 -0.93 9.89 -0.55
N LEU A 196 0.08 9.05 -0.47
CA LEU A 196 0.23 7.97 -1.44
C LEU A 196 -0.95 7.01 -1.38
N GLY A 197 -1.39 6.70 -0.17
CA GLY A 197 -2.60 5.92 0.00
C GLY A 197 -3.80 6.55 -0.69
N ASP A 198 -3.92 7.88 -0.62
CA ASP A 198 -5.01 8.53 -1.32
C ASP A 198 -4.91 8.23 -2.81
N VAL A 199 -3.69 8.33 -3.37
CA VAL A 199 -3.48 8.13 -4.79
C VAL A 199 -3.93 6.74 -5.20
N TYR A 200 -3.42 5.73 -4.50
CA TYR A 200 -3.65 4.37 -4.91
C TYR A 200 -5.09 3.96 -4.69
N SER A 201 -5.72 4.49 -3.65
CA SER A 201 -7.10 4.10 -3.41
C SER A 201 -7.99 4.69 -4.48
N ARG A 202 -7.65 5.86 -4.95
CA ARG A 202 -8.43 6.53 -5.99
C ARG A 202 -8.12 5.98 -7.36
N LEU A 203 -6.87 5.64 -7.60
CA LEU A 203 -6.56 4.91 -8.79
C LEU A 203 -7.35 3.59 -8.83
N GLN A 204 -7.45 2.90 -7.71
CA GLN A 204 -8.22 1.65 -7.69
C GLN A 204 -9.68 1.91 -8.01
N VAL A 205 -10.20 3.07 -7.65
CA VAL A 205 -11.60 3.34 -7.99
C VAL A 205 -11.74 3.45 -9.49
N LEU A 206 -10.84 4.19 -10.12
CA LEU A 206 -10.83 4.29 -11.58
C LEU A 206 -10.67 2.91 -12.21
N ASP A 207 -9.68 2.16 -11.73
CA ASP A 207 -9.49 0.79 -12.21
C ASP A 207 -10.80 0.02 -12.12
N SER A 208 -11.51 0.19 -10.99
CA SER A 208 -12.77 -0.54 -10.86
C SER A 208 -13.81 0.03 -11.82
N LEU A 209 -13.76 1.34 -12.08
CA LEU A 209 -14.73 1.88 -13.03
C LEU A 209 -14.54 1.26 -14.39
N MET A 210 -13.29 1.11 -14.78
CA MET A 210 -12.97 0.55 -16.09
C MET A 210 -13.32 -0.91 -16.13
N SER A 211 -13.06 -1.59 -15.03
CA SER A 211 -13.40 -3.00 -14.95
C SER A 211 -14.91 -3.16 -15.03
N THR A 212 -15.67 -2.24 -14.43
CA THR A 212 -17.13 -2.37 -14.42
C THR A 212 -17.69 -2.23 -15.82
N ILE A 213 -17.18 -1.27 -16.57
CA ILE A 213 -17.54 -1.09 -17.97
C ILE A 213 -17.26 -2.35 -18.78
N VAL A 214 -16.02 -2.86 -18.73
CA VAL A 214 -15.67 -4.06 -19.51
C VAL A 214 -16.62 -5.20 -19.19
N SER A 215 -16.88 -5.41 -17.90
CA SER A 215 -17.67 -6.55 -17.51
C SER A 215 -19.15 -6.35 -17.81
N ASN A 216 -19.57 -5.11 -18.10
CA ASN A 216 -20.99 -4.83 -18.33
C ASN A 216 -21.15 -3.91 -19.53
N PRO A 217 -20.81 -4.40 -20.72
CA PRO A 217 -20.73 -3.51 -21.89
C PRO A 217 -22.04 -2.87 -22.29
N GLN A 218 -23.17 -3.47 -21.91
CA GLN A 218 -24.49 -2.96 -22.24
C GLN A 218 -25.00 -1.96 -21.22
N ALA A 219 -24.28 -1.79 -20.11
CA ALA A 219 -24.76 -0.93 -19.04
C ALA A 219 -24.74 0.54 -19.46
N ASN A 220 -25.74 1.34 -19.06
CA ASN A 220 -25.68 2.78 -19.33
C ASN A 220 -25.02 3.49 -18.15
N GLN A 221 -25.00 4.83 -18.19
CA GLN A 221 -24.33 5.61 -17.14
C GLN A 221 -24.83 5.26 -15.74
N GLU A 222 -26.15 5.32 -15.52
CA GLU A 222 -26.66 5.12 -14.17
C GLU A 222 -26.28 3.74 -13.64
N GLU A 223 -26.37 2.72 -14.50
CA GLU A 223 -26.08 1.36 -14.03
C GLU A 223 -24.60 1.21 -13.76
N ILE A 224 -23.76 1.79 -14.62
CA ILE A 224 -22.34 1.71 -14.37
C ILE A 224 -22.05 2.25 -12.99
N MET A 225 -22.61 3.41 -12.66
CA MET A 225 -22.32 4.02 -11.36
C MET A 225 -22.95 3.22 -10.22
N GLN A 226 -24.17 2.74 -10.40
CA GLN A 226 -24.80 1.89 -9.39
C GLN A 226 -23.85 0.71 -9.03
N LEU A 228 -20.59 0.32 -9.66
CA LEU A 228 -19.31 0.74 -9.12
C LEU A 228 -19.48 1.05 -7.64
N THR A 229 -20.58 1.74 -7.34
CA THR A 229 -20.86 2.08 -5.95
C THR A 229 -20.92 0.83 -5.09
N ALA A 230 -21.61 -0.20 -5.58
CA ALA A 230 -21.71 -1.46 -4.86
C ALA A 230 -20.34 -2.08 -4.67
N SER A 231 -19.50 -2.03 -5.71
CA SER A 231 -18.15 -2.60 -5.62
C SER A 231 -17.32 -1.87 -4.59
N ILE A 232 -17.43 -0.54 -4.54
CA ILE A 232 -16.65 0.22 -3.56
C ILE A 232 -17.10 -0.15 -2.16
N SER A 233 -18.38 -0.48 -2.01
CA SER A 233 -18.88 -0.90 -0.72
C SER A 233 -18.38 -2.29 -0.36
N LYS A 234 -18.12 -3.14 -1.36
CA LYS A 234 -17.67 -4.50 -1.11
C LYS A 234 -16.15 -4.64 -1.18
N ALA A 235 -15.43 -3.54 -1.32
CA ALA A 235 -14.00 -3.72 -1.47
C ALA A 235 -13.31 -3.72 -0.12
N PRO A 236 -12.14 -4.37 -0.02
CA PRO A 236 -11.40 -4.40 1.25
C PRO A 236 -11.04 -3.02 1.79
N GLN A 237 -10.65 -2.99 3.05
CA GLN A 237 -10.20 -1.77 3.71
C GLN A 237 -8.72 -1.84 4.09
N SER A 246 -13.85 7.57 5.14
CA SER A 246 -12.95 7.27 4.04
C SER A 246 -13.69 6.59 2.90
N VAL A 247 -14.65 5.73 3.23
CA VAL A 247 -15.46 5.10 2.19
C VAL A 247 -16.38 6.12 1.54
N ASP A 248 -16.95 7.02 2.35
CA ASP A 248 -17.71 8.12 1.78
C ASP A 248 -16.82 8.98 0.88
N SER A 249 -15.54 9.11 1.21
CA SER A 249 -14.69 9.94 0.37
C SER A 249 -14.41 9.27 -0.97
N LEU A 250 -14.28 7.95 -0.98
CA LEU A 250 -14.11 7.22 -2.23
C LEU A 250 -15.39 7.21 -3.05
N GLN A 251 -16.54 7.24 -2.38
CA GLN A 251 -17.82 7.37 -3.09
C GLN A 251 -17.90 8.74 -3.73
N LYS A 252 -17.52 9.77 -2.98
CA LYS A 252 -17.53 11.12 -3.53
C LYS A 252 -16.56 11.20 -4.69
N PHE A 253 -15.45 10.49 -4.61
CA PHE A 253 -14.50 10.49 -5.71
C PHE A 253 -15.06 9.76 -6.93
N ALA A 254 -15.72 8.62 -6.71
CA ALA A 254 -16.46 7.98 -7.81
C ALA A 254 -17.39 8.96 -8.52
N ALA A 255 -18.10 9.79 -7.76
CA ALA A 255 -19.00 10.75 -8.39
C ALA A 255 -18.23 11.76 -9.23
N GLN A 256 -17.00 12.08 -8.82
CA GLN A 256 -16.17 13.00 -9.61
C GLN A 256 -15.72 12.35 -10.90
N LEU A 257 -15.49 11.04 -10.88
CA LEU A 257 -15.14 10.33 -12.11
C LEU A 257 -16.33 10.27 -13.06
N GLU A 258 -17.54 10.16 -12.50
CA GLU A 258 -18.73 10.17 -13.33
C GLU A 258 -18.78 11.42 -14.20
N ARG A 259 -18.51 12.59 -13.59
CA ARG A 259 -18.58 13.82 -14.35
C ARG A 259 -17.59 13.84 -15.49
N GLU A 260 -16.43 13.19 -15.32
CA GLU A 260 -15.32 13.27 -16.28
C GLU A 260 -15.39 12.24 -17.38
N PHE A 261 -15.91 11.05 -17.10
CA PHE A 261 -15.75 9.92 -17.98
C PHE A 261 -17.05 9.19 -18.24
N VAL A 262 -18.15 9.54 -17.58
CA VAL A 262 -19.35 8.74 -17.73
C VAL A 262 -20.55 9.67 -17.97
N ASP A 263 -20.28 10.96 -18.10
CA ASP A 263 -21.36 11.95 -18.15
C ASP A 263 -21.75 12.12 -19.61
N GLY A 264 -22.84 11.48 -19.98
CA GLY A 264 -23.34 11.60 -21.33
C GLY A 264 -22.82 10.52 -22.25
N GLU A 265 -23.50 10.42 -23.38
CA GLU A 265 -23.23 9.33 -24.29
C GLU A 265 -21.88 9.48 -24.95
N ARG A 266 -21.45 10.70 -25.26
CA ARG A 266 -20.12 10.85 -25.83
C ARG A 266 -19.05 10.36 -24.85
N SER A 267 -19.06 10.90 -23.63
CA SER A 267 -18.05 10.52 -22.64
C SER A 267 -18.04 9.02 -22.41
N LEU A 268 -19.21 8.41 -22.26
CA LEU A 268 -19.27 6.99 -21.97
C LEU A 268 -18.62 6.18 -23.10
N ALA A 269 -18.94 6.56 -24.34
CA ALA A 269 -18.38 5.88 -25.51
C ALA A 269 -16.86 5.98 -25.52
N GLU A 270 -16.30 7.15 -25.15
CA GLU A 270 -14.86 7.25 -25.03
C GLU A 270 -14.35 6.32 -23.96
N SER A 271 -14.99 6.35 -22.81
CA SER A 271 -14.53 5.54 -21.72
C SER A 271 -14.59 4.06 -22.09
N GLN A 272 -15.64 3.67 -22.82
CA GLN A 272 -15.83 2.28 -23.22
C GLN A 272 -14.72 1.82 -24.17
N GLU A 273 -14.26 2.70 -25.07
CA GLU A 273 -13.14 2.33 -25.94
C GLU A 273 -11.88 2.04 -25.13
N ASN A 274 -11.48 2.98 -24.27
CA ASN A 274 -10.31 2.73 -23.43
C ASN A 274 -10.46 1.41 -22.66
N ALA A 275 -11.63 1.22 -22.05
CA ALA A 275 -11.81 0.05 -21.21
C ALA A 275 -11.77 -1.23 -22.03
N PHE A 276 -12.44 -1.26 -23.18
CA PHE A 276 -12.53 -2.51 -23.91
C PHE A 276 -11.19 -2.81 -24.59
N ARG A 277 -10.49 -1.76 -25.01
CA ARG A 277 -9.40 -1.89 -25.97
C ARG A 277 -8.01 -1.69 -25.38
N LYS A 278 -7.90 -1.21 -24.13
CA LYS A 278 -6.59 -0.71 -23.69
C LYS A 278 -6.42 -0.72 -22.16
N GLN A 279 -7.21 -1.45 -21.36
CA GLN A 279 -7.35 -1.05 -19.96
C GLN A 279 -6.04 -1.10 -19.18
N PRO A 280 -5.24 -2.19 -19.24
CA PRO A 280 -3.99 -2.16 -18.49
C PRO A 280 -3.08 -1.05 -18.97
N ALA A 281 -3.00 -0.86 -20.28
CA ALA A 281 -2.16 0.19 -20.84
C ALA A 281 -2.63 1.55 -20.37
N PHE A 282 -3.94 1.73 -20.34
CA PHE A 282 -4.53 2.97 -19.84
C PHE A 282 -4.14 3.23 -18.39
N ILE A 283 -4.33 2.25 -17.51
CA ILE A 283 -3.99 2.47 -16.10
C ILE A 283 -2.51 2.77 -15.93
N GLN A 284 -1.66 2.08 -16.70
CA GLN A 284 -0.22 2.38 -16.64
C GLN A 284 0.10 3.75 -17.21
N GLN A 285 -0.61 4.19 -18.24
CA GLN A 285 -0.43 5.57 -18.71
C GLN A 285 -0.91 6.57 -17.64
N VAL A 286 -2.02 6.28 -16.96
CA VAL A 286 -2.47 7.16 -15.87
C VAL A 286 -1.37 7.29 -14.80
N LEU A 287 -0.77 6.15 -14.43
CA LEU A 287 0.32 6.16 -13.44
C LEU A 287 1.48 7.01 -13.89
N VAL A 288 1.88 6.86 -15.15
CA VAL A 288 2.93 7.72 -15.70
C VAL A 288 2.55 9.18 -15.51
N ASN A 289 1.32 9.52 -15.88
CA ASN A 289 0.90 10.91 -15.81
C ASN A 289 0.80 11.37 -14.35
N ILE A 290 0.37 10.49 -13.43
CA ILE A 290 0.39 10.87 -12.02
C ILE A 290 1.81 11.16 -11.58
N ALA A 291 2.74 10.27 -11.95
CA ALA A 291 4.13 10.50 -11.54
C ALA A 291 4.64 11.81 -12.10
N SER A 292 4.29 12.11 -13.35
CA SER A 292 4.65 13.39 -13.94
C SER A 292 4.12 14.56 -13.12
N LEU A 293 2.89 14.46 -12.64
CA LEU A 293 2.38 15.61 -11.90
C LEU A 293 3.14 15.81 -10.60
N PHE A 294 3.59 14.73 -9.96
CA PHE A 294 4.34 14.87 -8.72
C PHE A 294 5.80 15.19 -8.99
N SER A 295 6.32 14.77 -10.14
CA SER A 295 7.72 14.93 -10.45
C SER A 295 7.99 16.21 -11.24
N GLY A 296 7.02 16.67 -12.03
CA GLY A 296 7.23 17.75 -12.97
C GLY A 296 7.79 17.33 -14.31
N TYR A 297 8.09 16.04 -14.50
CA TYR A 297 8.86 15.57 -15.64
C TYR A 297 7.98 14.78 -16.61
N LEU A 298 8.40 14.75 -17.87
CA LEU A 298 7.72 14.02 -18.91
C LEU A 298 8.53 12.78 -19.30
#